data_7H1N
#
_entry.id   7H1N
#
_cell.length_a   42.533
_cell.length_b   42.533
_cell.length_c   217.554
_cell.angle_alpha   90.00
_cell.angle_beta   90.00
_cell.angle_gamma   90.00
#
_symmetry.space_group_name_H-M   'P 43 2 2'
#
loop_
_entity.id
_entity.type
_entity.pdbx_description
1 polymer 'Serine protease subunit NS2B'
2 polymer 'Serine protease NS3'
3 non-polymer 'DIMETHYL SULFOXIDE'
4 non-polymer "(2S)-1',4'-dihydro-2'H-spiro[pyrrolidine-2,3'-quinolin]-2'-one"
5 non-polymer "(2R)-1',4'-dihydro-2'H-spiro[pyrrolidine-2,3'-quinolin]-2'-one"
6 water water
#
loop_
_entity_poly.entity_id
_entity_poly.type
_entity_poly.pdbx_seq_one_letter_code
_entity_poly.pdbx_strand_id
1 'polypeptide(L)' SMGKSVDMYIERAGDITWEKDAEVTGNSPRLDVALDESGDFSLVEE A
2 'polypeptide(L)'
;MKEVKKGETTDGVYRVMTRRLLGSTQVGVGVMQEGVFHTMWHVTKGAALRSGEGRLDPYWGDVKQDLVSYCGPWKLDAAW
DGLSEVQLLAVPPGERAKNIQTLPGIFKTKDGDIGAVALDYPAGTSGSPILDKCGRVIGLYGNGVVIKNGSYVSAITQGK
REEETPVE
;
B
#
loop_
_chem_comp.id
_chem_comp.type
_chem_comp.name
_chem_comp.formula
DMS non-polymer 'DIMETHYL SULFOXIDE' 'C2 H6 O S'
U4C non-polymer (2S)-1',4'-dihydro-2'H-spiro[pyrrolidine-2,3'-quinolin]-2'-one 'C12 H14 N2 O'
W2M non-polymer (2R)-1',4'-dihydro-2'H-spiro[pyrrolidine-2,3'-quinolin]-2'-one 'C12 H14 N2 O'
#
# COMPACT_ATOMS: atom_id res chain seq x y z
N ASP A 7 -5.84 14.54 -14.81
CA ASP A 7 -5.66 13.26 -15.47
C ASP A 7 -4.48 12.48 -14.86
N MET A 8 -4.75 11.23 -14.49
CA MET A 8 -3.75 10.43 -13.82
C MET A 8 -3.07 9.44 -14.71
N TYR A 9 -1.77 9.23 -14.45
CA TYR A 9 -0.97 8.31 -15.25
C TYR A 9 -0.03 7.52 -14.38
N ILE A 10 0.37 6.32 -14.85
CA ILE A 10 1.27 5.48 -14.07
C ILE A 10 2.67 5.38 -14.73
N GLU A 11 3.72 5.18 -13.88
CA GLU A 11 5.10 5.08 -14.36
C GLU A 11 5.77 3.98 -13.58
N ARG A 12 6.43 3.00 -14.26
CA ARG A 12 7.04 1.89 -13.49
C ARG A 12 8.11 2.40 -12.53
N ALA A 13 8.18 1.83 -11.32
CA ALA A 13 9.19 2.21 -10.33
C ALA A 13 10.13 1.06 -9.88
N GLY A 14 9.77 -0.18 -10.19
CA GLY A 14 10.59 -1.32 -9.84
C GLY A 14 9.91 -2.67 -9.85
N ASP A 15 10.72 -3.72 -9.58
CA ASP A 15 10.21 -5.07 -9.45
C ASP A 15 9.73 -5.26 -8.01
N ILE A 16 8.84 -6.23 -7.79
CA ILE A 16 8.42 -6.56 -6.42
C ILE A 16 9.22 -7.79 -5.97
N THR A 17 10.26 -7.56 -5.18
N THR A 17 10.28 -7.56 -5.20
N THR A 17 10.30 -7.57 -5.21
N THR A 17 10.28 -7.56 -5.20
CA THR A 17 11.13 -8.61 -4.66
CA THR A 17 11.18 -8.61 -4.74
CA THR A 17 11.14 -8.64 -4.68
CA THR A 17 11.18 -8.61 -4.74
C THR A 17 11.54 -8.34 -3.22
C THR A 17 11.65 -8.34 -3.30
C THR A 17 11.56 -8.35 -3.25
C THR A 17 11.65 -8.34 -3.30
N TRP A 18 11.85 -9.40 -2.48
CA TRP A 18 12.35 -9.26 -1.13
C TRP A 18 13.87 -8.94 -1.27
N GLU A 19 14.40 -7.97 -0.49
N GLU A 19 14.40 -7.97 -0.49
CA GLU A 19 15.82 -7.63 -0.57
CA GLU A 19 15.82 -7.63 -0.57
C GLU A 19 16.53 -8.22 0.64
C GLU A 19 16.53 -8.22 0.64
N LYS A 20 17.57 -9.04 0.40
CA LYS A 20 18.35 -9.60 1.53
C LYS A 20 19.17 -8.41 2.09
N ASP A 21 19.24 -8.28 3.41
CA ASP A 21 19.99 -7.17 4.01
C ASP A 21 19.43 -5.78 3.65
N ALA A 22 18.10 -5.64 3.80
CA ALA A 22 17.44 -4.37 3.64
C ALA A 22 17.62 -3.65 5.00
N GLU A 23 17.41 -2.34 5.05
CA GLU A 23 17.47 -1.61 6.33
C GLU A 23 16.30 -2.13 7.24
N VAL A 24 16.57 -2.49 8.51
CA VAL A 24 15.53 -3.00 9.40
C VAL A 24 15.12 -1.93 10.43
N THR A 25 13.82 -1.49 10.42
CA THR A 25 13.38 -0.47 11.37
C THR A 25 11.85 -0.52 11.68
N GLY A 26 11.38 0.28 12.63
CA GLY A 26 9.97 0.31 12.97
C GLY A 26 9.63 -0.55 14.18
N ASN A 27 8.71 -0.08 15.01
N ASN A 27 8.71 -0.08 15.01
N ASN A 27 8.66 -0.09 14.96
N ASN A 27 8.66 -0.09 14.96
CA ASN A 27 8.28 -0.87 16.17
CA ASN A 27 8.28 -0.87 16.17
CA ASN A 27 8.15 -0.78 16.14
CA ASN A 27 8.15 -0.78 16.14
C ASN A 27 7.02 -1.70 15.81
C ASN A 27 7.02 -1.70 15.81
C ASN A 27 6.99 -1.72 15.77
C ASN A 27 6.99 -1.72 15.77
N SER A 28 6.48 -2.50 16.75
CA SER A 28 5.34 -3.39 16.47
C SER A 28 4.16 -3.13 17.46
N PRO A 29 3.52 -1.94 17.43
CA PRO A 29 2.48 -1.66 18.43
C PRO A 29 1.21 -2.48 18.28
N ARG A 30 0.56 -2.80 19.41
CA ARG A 30 -0.74 -3.49 19.41
C ARG A 30 -1.76 -2.42 19.84
N LEU A 31 -2.67 -2.07 18.93
CA LEU A 31 -3.62 -0.98 19.10
C LEU A 31 -5.04 -1.40 18.92
N ASP A 32 -5.94 -0.87 19.76
CA ASP A 32 -7.38 -1.11 19.58
C ASP A 32 -7.86 -0.02 18.66
N VAL A 33 -8.47 -0.40 17.52
CA VAL A 33 -8.91 0.59 16.56
C VAL A 33 -10.34 0.28 16.07
N ALA A 34 -10.97 1.30 15.46
CA ALA A 34 -12.29 1.22 14.86
C ALA A 34 -12.20 1.68 13.40
N LEU A 35 -12.99 1.08 12.51
CA LEU A 35 -12.98 1.44 11.10
C LEU A 35 -14.40 1.89 10.75
N ASP A 36 -14.54 3.15 10.32
CA ASP A 36 -15.84 3.68 10.02
C ASP A 36 -16.27 3.38 8.56
N GLU A 37 -17.52 3.73 8.23
CA GLU A 37 -18.08 3.51 6.92
C GLU A 37 -17.30 4.27 5.81
N SER A 38 -16.60 5.37 6.16
CA SER A 38 -15.81 6.11 5.19
C SER A 38 -14.41 5.51 4.98
N GLY A 39 -14.09 4.39 5.62
CA GLY A 39 -12.77 3.78 5.45
C GLY A 39 -11.71 4.46 6.30
N ASP A 40 -12.11 5.22 7.32
CA ASP A 40 -11.11 5.86 8.22
C ASP A 40 -10.94 5.04 9.50
N PHE A 41 -9.69 4.85 9.91
CA PHE A 41 -9.38 4.19 11.16
C PHE A 41 -9.28 5.23 12.25
N SER A 42 -9.71 4.89 13.47
CA SER A 42 -9.52 5.77 14.62
C SER A 42 -9.08 4.95 15.84
N LEU A 43 -8.34 5.57 16.77
CA LEU A 43 -7.90 4.84 17.96
C LEU A 43 -9.04 4.74 18.96
N VAL A 44 -9.24 3.56 19.53
CA VAL A 44 -10.23 3.35 20.59
C VAL A 44 -9.44 3.38 21.91
N GLU A 45 -9.89 4.17 22.90
CA GLU A 45 -9.19 4.22 24.21
C GLU A 45 -10.20 4.14 25.37
N GLU B 8 2.22 0.19 -20.61
CA GLU B 8 3.03 -0.79 -19.86
C GLU B 8 2.20 -1.74 -18.99
N THR B 9 2.28 -3.02 -19.31
N THR B 9 2.28 -3.02 -19.31
N THR B 9 2.28 -3.02 -19.31
N THR B 9 2.28 -3.02 -19.31
CA THR B 9 1.55 -4.05 -18.56
CA THR B 9 1.57 -4.06 -18.56
CA THR B 9 1.57 -4.06 -18.56
CA THR B 9 1.57 -4.06 -18.56
C THR B 9 2.51 -4.99 -17.77
C THR B 9 2.51 -4.97 -17.76
C THR B 9 2.51 -4.97 -17.76
C THR B 9 2.51 -4.97 -17.76
N THR B 10 3.82 -4.65 -17.69
CA THR B 10 4.78 -5.45 -16.96
C THR B 10 4.43 -5.44 -15.49
N ASP B 11 4.46 -6.60 -14.86
CA ASP B 11 4.30 -6.74 -13.44
C ASP B 11 5.33 -5.83 -12.70
N GLY B 12 4.94 -5.29 -11.58
CA GLY B 12 5.84 -4.47 -10.79
C GLY B 12 5.12 -3.39 -10.03
N VAL B 13 5.91 -2.51 -9.38
CA VAL B 13 5.37 -1.40 -8.60
C VAL B 13 5.46 -0.12 -9.44
N TYR B 14 4.38 0.69 -9.43
CA TYR B 14 4.25 1.89 -10.25
C TYR B 14 3.93 3.09 -9.41
N ARG B 15 4.39 4.26 -9.84
CA ARG B 15 3.95 5.52 -9.24
C ARG B 15 2.66 5.93 -9.96
N VAL B 16 1.77 6.61 -9.26
CA VAL B 16 0.54 7.17 -9.78
C VAL B 16 0.71 8.67 -9.71
N MET B 17 0.72 9.32 -10.87
CA MET B 17 1.00 10.74 -11.03
C MET B 17 -0.18 11.55 -11.54
N THR B 18 -0.18 12.86 -11.26
CA THR B 18 -1.18 13.75 -11.84
C THR B 18 -0.50 15.03 -12.35
N ARG B 19 -1.05 15.64 -13.42
CA ARG B 19 -0.57 16.95 -13.88
C ARG B 19 -1.59 18.08 -13.61
N ARG B 20 -2.66 17.78 -12.86
CA ARG B 20 -3.75 18.70 -12.51
C ARG B 20 -3.30 19.77 -11.49
N LEU B 21 -2.26 19.48 -10.69
CA LEU B 21 -1.73 20.43 -9.71
C LEU B 21 -0.44 21.11 -10.28
N LEU B 22 0.41 21.74 -9.42
CA LEU B 22 1.65 22.35 -9.88
C LEU B 22 2.59 21.26 -10.35
N GLY B 23 3.16 21.41 -11.57
CA GLY B 23 4.07 20.42 -12.14
C GLY B 23 3.49 19.02 -12.22
N SER B 24 4.31 18.00 -12.01
CA SER B 24 3.85 16.61 -11.98
C SER B 24 3.93 16.17 -10.53
N THR B 25 2.82 15.71 -9.97
CA THR B 25 2.75 15.36 -8.56
C THR B 25 2.42 13.87 -8.35
N GLN B 26 3.18 13.18 -7.48
CA GLN B 26 2.90 11.76 -7.23
C GLN B 26 1.81 11.70 -6.20
N VAL B 27 0.63 11.22 -6.57
CA VAL B 27 -0.47 11.10 -5.61
C VAL B 27 -0.51 9.74 -4.90
N GLY B 28 0.18 8.75 -5.44
CA GLY B 28 0.26 7.44 -4.80
C GLY B 28 1.08 6.45 -5.57
N VAL B 29 0.88 5.16 -5.28
CA VAL B 29 1.63 4.02 -5.80
C VAL B 29 0.63 2.85 -6.01
N GLY B 30 1.02 1.88 -6.84
CA GLY B 30 0.23 0.67 -7.01
C GLY B 30 1.00 -0.52 -7.54
N VAL B 31 0.33 -1.66 -7.59
CA VAL B 31 0.93 -2.92 -8.01
C VAL B 31 0.27 -3.46 -9.28
N MET B 32 1.06 -3.78 -10.29
CA MET B 32 0.59 -4.40 -11.50
C MET B 32 0.91 -5.91 -11.33
N GLN B 33 -0.13 -6.75 -11.36
CA GLN B 33 0.05 -8.19 -11.23
C GLN B 33 -1.05 -8.90 -11.99
N GLU B 34 -0.68 -9.87 -12.84
CA GLU B 34 -1.62 -10.65 -13.66
C GLU B 34 -2.53 -9.77 -14.51
N GLY B 35 -1.98 -8.67 -15.03
CA GLY B 35 -2.70 -7.74 -15.91
C GLY B 35 -3.69 -6.81 -15.20
N VAL B 36 -3.67 -6.80 -13.85
CA VAL B 36 -4.54 -5.96 -13.03
C VAL B 36 -3.73 -4.96 -12.22
N PHE B 37 -4.16 -3.68 -12.22
CA PHE B 37 -3.51 -2.64 -11.46
C PHE B 37 -4.24 -2.45 -10.14
N HIS B 38 -3.51 -2.49 -9.03
CA HIS B 38 -4.07 -2.47 -7.68
C HIS B 38 -3.56 -1.28 -6.93
N THR B 39 -4.46 -0.47 -6.34
CA THR B 39 -4.03 0.67 -5.54
C THR B 39 -5.06 0.94 -4.43
N MET B 40 -4.86 2.01 -3.64
CA MET B 40 -5.83 2.37 -2.62
C MET B 40 -6.84 3.33 -3.22
N TRP B 41 -8.09 3.21 -2.79
N TRP B 41 -8.11 3.22 -2.78
N TRP B 41 -8.10 3.21 -2.79
N TRP B 41 -8.11 3.22 -2.78
CA TRP B 41 -9.16 4.05 -3.29
CA TRP B 41 -9.17 4.06 -3.29
CA TRP B 41 -9.16 4.06 -3.31
CA TRP B 41 -9.17 4.06 -3.29
C TRP B 41 -8.88 5.54 -3.12
C TRP B 41 -8.87 5.55 -3.13
C TRP B 41 -8.86 5.55 -3.14
C TRP B 41 -8.86 5.56 -3.13
N HIS B 42 -8.34 5.97 -1.97
CA HIS B 42 -8.08 7.41 -1.75
C HIS B 42 -7.00 8.02 -2.67
N VAL B 43 -6.18 7.15 -3.33
CA VAL B 43 -5.18 7.62 -4.29
C VAL B 43 -5.84 8.14 -5.57
N THR B 44 -6.79 7.35 -6.15
CA THR B 44 -7.40 7.74 -7.43
C THR B 44 -8.81 8.23 -7.35
N LYS B 45 -9.49 7.95 -6.25
CA LYS B 45 -10.92 8.25 -6.07
C LYS B 45 -11.81 7.49 -7.10
N GLY B 46 -11.27 6.40 -7.67
CA GLY B 46 -12.01 5.63 -8.64
C GLY B 46 -11.94 6.15 -10.07
N ALA B 47 -11.05 7.12 -10.34
CA ALA B 47 -10.91 7.69 -11.68
C ALA B 47 -10.11 6.77 -12.62
N ALA B 48 -10.29 6.94 -13.95
CA ALA B 48 -9.53 6.22 -14.96
C ALA B 48 -8.07 6.65 -14.93
N LEU B 49 -7.19 5.76 -15.37
CA LEU B 49 -5.77 6.04 -15.38
C LEU B 49 -5.23 5.85 -16.78
N ARG B 50 -4.09 6.46 -17.05
CA ARG B 50 -3.41 6.39 -18.32
C ARG B 50 -2.06 5.64 -18.13
N SER B 51 -1.66 4.80 -19.10
CA SER B 51 -0.39 4.07 -19.14
C SER B 51 0.11 4.25 -20.57
N GLY B 52 0.93 5.27 -20.81
CA GLY B 52 1.37 5.59 -22.18
C GLY B 52 0.16 6.06 -22.96
N GLU B 53 -0.16 5.39 -24.08
CA GLU B 53 -1.37 5.70 -24.86
C GLU B 53 -2.62 4.96 -24.33
N GLY B 54 -2.42 3.90 -23.51
CA GLY B 54 -3.48 3.06 -23.00
C GLY B 54 -4.26 3.63 -21.82
N ARG B 55 -5.51 3.21 -21.69
CA ARG B 55 -6.39 3.64 -20.61
C ARG B 55 -6.71 2.44 -19.70
N LEU B 56 -6.64 2.66 -18.39
CA LEU B 56 -6.99 1.62 -17.43
C LEU B 56 -8.30 2.06 -16.79
N ASP B 57 -9.32 1.25 -16.90
CA ASP B 57 -10.61 1.58 -16.32
C ASP B 57 -10.81 0.84 -14.99
N PRO B 58 -11.45 1.49 -13.98
CA PRO B 58 -11.69 0.78 -12.72
C PRO B 58 -12.58 -0.42 -12.95
N TYR B 59 -12.32 -1.50 -12.24
CA TYR B 59 -13.11 -2.72 -12.38
C TYR B 59 -13.86 -3.03 -11.09
N TRP B 60 -13.20 -2.86 -9.95
CA TRP B 60 -13.78 -3.15 -8.62
C TRP B 60 -13.25 -2.10 -7.63
N GLY B 61 -14.07 -1.67 -6.69
CA GLY B 61 -13.55 -0.78 -5.63
C GLY B 61 -14.46 -0.76 -4.42
N ASP B 62 -13.92 -0.33 -3.27
CA ASP B 62 -14.70 -0.28 -2.05
C ASP B 62 -14.08 0.75 -1.11
N VAL B 63 -14.82 1.85 -0.87
CA VAL B 63 -14.33 2.94 -0.04
C VAL B 63 -13.97 2.47 1.37
N LYS B 64 -14.77 1.52 1.90
CA LYS B 64 -14.52 1.10 3.29
C LYS B 64 -13.23 0.29 3.45
N GLN B 65 -12.97 -0.61 2.49
CA GLN B 65 -11.66 -1.31 2.46
C GLN B 65 -10.55 -0.37 2.02
N ASP B 66 -10.91 0.74 1.31
CA ASP B 66 -9.99 1.72 0.71
C ASP B 66 -9.11 1.04 -0.33
N LEU B 67 -9.74 0.25 -1.21
CA LEU B 67 -9.02 -0.43 -2.28
C LEU B 67 -9.75 -0.30 -3.62
N VAL B 68 -8.98 -0.43 -4.71
CA VAL B 68 -9.53 -0.39 -6.09
C VAL B 68 -8.61 -1.22 -7.01
N SER B 69 -9.23 -1.90 -7.97
CA SER B 69 -8.50 -2.64 -9.01
C SER B 69 -8.96 -2.12 -10.40
N TYR B 70 -8.04 -2.17 -11.37
CA TYR B 70 -8.22 -1.71 -12.74
C TYR B 70 -7.95 -2.88 -13.68
N CYS B 71 -8.78 -2.97 -14.77
CA CYS B 71 -8.67 -3.98 -15.84
C CYS B 71 -9.12 -5.37 -15.44
N GLY B 72 -9.36 -5.62 -14.16
CA GLY B 72 -9.79 -6.95 -13.74
C GLY B 72 -10.00 -7.02 -12.25
N PRO B 73 -10.42 -8.19 -11.77
CA PRO B 73 -10.67 -8.33 -10.33
C PRO B 73 -9.40 -8.34 -9.50
N TRP B 74 -9.52 -7.99 -8.20
CA TRP B 74 -8.38 -7.97 -7.25
C TRP B 74 -7.68 -9.34 -7.30
N LYS B 75 -6.34 -9.34 -7.51
CA LYS B 75 -5.61 -10.60 -7.66
C LYS B 75 -4.74 -10.95 -6.46
N LEU B 76 -4.48 -10.00 -5.55
CA LEU B 76 -3.53 -10.23 -4.46
C LEU B 76 -4.21 -10.94 -3.27
N ASP B 77 -3.75 -12.14 -2.93
CA ASP B 77 -4.38 -12.91 -1.85
C ASP B 77 -3.44 -13.40 -0.75
N ALA B 78 -2.14 -13.16 -0.87
CA ALA B 78 -1.23 -13.56 0.19
C ALA B 78 -1.55 -12.77 1.51
N ALA B 79 -1.30 -13.40 2.67
CA ALA B 79 -1.57 -12.78 3.97
C ALA B 79 -0.36 -12.85 4.87
N TRP B 80 -0.23 -11.85 5.77
CA TRP B 80 0.84 -11.86 6.77
C TRP B 80 0.63 -13.12 7.68
N ASP B 81 1.71 -13.88 7.95
CA ASP B 81 1.56 -15.08 8.80
C ASP B 81 1.38 -14.76 10.31
N GLY B 82 1.50 -13.50 10.70
CA GLY B 82 1.31 -13.13 12.12
C GLY B 82 2.54 -13.29 12.99
N LEU B 83 3.66 -13.75 12.43
CA LEU B 83 4.87 -14.00 13.19
C LEU B 83 6.12 -13.39 12.59
N SER B 84 6.22 -13.40 11.26
CA SER B 84 7.45 -13.04 10.54
C SER B 84 7.58 -11.57 10.20
N GLU B 85 8.84 -11.14 10.01
CA GLU B 85 9.14 -9.79 9.55
C GLU B 85 8.68 -9.72 8.06
N VAL B 86 8.33 -8.52 7.65
CA VAL B 86 7.87 -8.24 6.28
C VAL B 86 8.71 -7.07 5.74
N GLN B 87 8.53 -6.72 4.46
CA GLN B 87 9.17 -5.56 3.88
C GLN B 87 8.17 -4.63 3.23
N LEU B 88 8.27 -3.35 3.52
CA LEU B 88 7.52 -2.34 2.80
C LEU B 88 8.42 -1.93 1.63
N LEU B 89 7.89 -2.05 0.40
CA LEU B 89 8.60 -1.60 -0.77
C LEU B 89 8.12 -0.15 -0.98
N ALA B 90 8.75 0.80 -0.21
CA ALA B 90 8.37 2.21 -0.26
C ALA B 90 8.76 2.87 -1.56
N VAL B 91 7.80 3.57 -2.21
CA VAL B 91 8.12 4.32 -3.41
C VAL B 91 7.75 5.81 -3.10
N PRO B 92 8.63 6.56 -2.40
CA PRO B 92 8.29 7.95 -2.03
C PRO B 92 8.32 8.91 -3.22
N PRO B 93 7.57 10.01 -3.15
CA PRO B 93 7.60 10.99 -4.26
C PRO B 93 9.02 11.48 -4.57
N GLY B 94 9.42 11.45 -5.84
CA GLY B 94 10.73 11.92 -6.28
C GLY B 94 11.92 11.08 -5.87
N GLU B 95 11.68 9.92 -5.20
CA GLU B 95 12.78 9.11 -4.68
C GLU B 95 12.71 7.66 -5.19
N ARG B 96 13.87 6.98 -5.24
CA ARG B 96 13.96 5.59 -5.71
C ARG B 96 13.21 4.62 -4.81
N ALA B 97 12.62 3.53 -5.40
CA ALA B 97 11.95 2.46 -4.65
C ALA B 97 12.97 1.86 -3.65
N LYS B 98 12.55 1.66 -2.41
CA LYS B 98 13.48 1.19 -1.38
C LYS B 98 12.76 0.21 -0.46
N ASN B 99 13.36 -0.97 -0.19
CA ASN B 99 12.81 -1.98 0.73
C ASN B 99 13.19 -1.68 2.20
N ILE B 100 12.18 -1.71 3.09
CA ILE B 100 12.35 -1.47 4.53
C ILE B 100 11.77 -2.68 5.25
N GLN B 101 12.58 -3.37 6.02
CA GLN B 101 12.14 -4.57 6.70
C GLN B 101 11.66 -4.22 8.12
N THR B 102 10.58 -4.84 8.60
CA THR B 102 10.01 -4.50 9.89
C THR B 102 9.20 -5.67 10.42
N LEU B 103 8.94 -5.69 11.76
CA LEU B 103 8.06 -6.69 12.32
C LEU B 103 6.73 -5.99 12.55
N PRO B 104 5.65 -6.42 11.87
CA PRO B 104 4.39 -5.72 12.05
C PRO B 104 3.86 -5.77 13.47
N GLY B 105 3.13 -4.73 13.83
CA GLY B 105 2.27 -4.64 15.00
C GLY B 105 0.90 -5.16 14.58
N ILE B 106 -0.12 -4.93 15.42
CA ILE B 106 -1.48 -5.40 15.15
C ILE B 106 -2.52 -4.30 15.36
N PHE B 107 -3.51 -4.22 14.49
CA PHE B 107 -4.71 -3.40 14.71
C PHE B 107 -5.74 -4.42 15.20
N LYS B 108 -6.29 -4.24 16.44
CA LYS B 108 -7.31 -5.12 16.98
C LYS B 108 -8.63 -4.41 16.78
N THR B 109 -9.58 -5.02 16.07
CA THR B 109 -10.88 -4.38 15.84
C THR B 109 -12.02 -5.32 16.31
N LYS B 110 -13.28 -4.82 16.32
CA LYS B 110 -14.41 -5.66 16.72
C LYS B 110 -14.63 -6.82 15.73
N ASP B 111 -14.10 -6.72 14.50
CA ASP B 111 -14.26 -7.75 13.49
C ASP B 111 -13.00 -8.55 13.22
N GLY B 112 -12.04 -8.54 14.14
CA GLY B 112 -10.82 -9.31 13.96
C GLY B 112 -9.57 -8.46 13.92
N ASP B 113 -8.42 -9.13 13.95
CA ASP B 113 -7.11 -8.49 13.93
C ASP B 113 -6.48 -8.42 12.54
N ILE B 114 -5.71 -7.33 12.28
CA ILE B 114 -5.04 -7.05 11.01
C ILE B 114 -3.59 -6.66 11.37
N GLY B 115 -2.59 -7.06 10.57
CA GLY B 115 -1.22 -6.59 10.81
C GLY B 115 -1.13 -5.10 10.49
N ALA B 116 -0.14 -4.42 11.07
CA ALA B 116 0.05 -2.99 10.85
C ALA B 116 1.55 -2.68 10.85
N VAL B 117 1.99 -1.75 10.01
N VAL B 117 1.98 -1.73 10.03
N VAL B 117 1.99 -1.75 10.01
N VAL B 117 1.98 -1.73 10.03
CA VAL B 117 3.40 -1.36 9.95
CA VAL B 117 3.37 -1.35 9.88
CA VAL B 117 3.40 -1.36 9.95
CA VAL B 117 3.37 -1.35 9.88
C VAL B 117 3.58 0.06 10.47
C VAL B 117 3.64 0.08 10.40
C VAL B 117 3.58 0.06 10.47
C VAL B 117 3.64 0.08 10.40
N ALA B 118 4.54 0.22 11.41
CA ALA B 118 4.81 1.52 12.00
C ALA B 118 5.95 2.25 11.28
N LEU B 119 5.65 2.70 10.06
CA LEU B 119 6.62 3.40 9.22
C LEU B 119 5.94 4.64 8.69
N ASP B 120 6.68 5.78 8.69
CA ASP B 120 6.13 7.05 8.27
C ASP B 120 6.77 7.53 6.96
N TYR B 121 5.96 7.81 5.95
CA TYR B 121 6.39 8.31 4.65
C TYR B 121 5.41 9.39 4.17
N PRO B 122 5.78 10.22 3.16
CA PRO B 122 4.82 11.21 2.66
C PRO B 122 3.54 10.52 2.16
N ALA B 123 2.39 11.24 2.24
CA ALA B 123 1.10 10.68 1.84
C ALA B 123 1.07 10.06 0.41
N GLY B 124 1.85 10.65 -0.50
CA GLY B 124 1.95 10.17 -1.89
C GLY B 124 2.67 8.83 -2.03
N THR B 125 3.11 8.23 -0.91
CA THR B 125 3.69 6.90 -0.86
C THR B 125 2.53 5.81 -0.73
N SER B 126 1.29 6.26 -0.45
CA SER B 126 0.12 5.38 -0.29
C SER B 126 -0.02 4.45 -1.49
N GLY B 127 -0.32 3.18 -1.25
CA GLY B 127 -0.41 2.17 -2.29
C GLY B 127 0.88 1.34 -2.39
N SER B 128 1.96 1.76 -1.69
CA SER B 128 3.21 0.97 -1.73
C SER B 128 2.95 -0.44 -1.17
N PRO B 129 3.49 -1.50 -1.83
CA PRO B 129 3.23 -2.86 -1.35
C PRO B 129 4.05 -3.31 -0.17
N ILE B 130 3.42 -4.15 0.68
CA ILE B 130 4.10 -4.82 1.79
C ILE B 130 4.22 -6.28 1.33
N LEU B 131 5.43 -6.86 1.46
CA LEU B 131 5.75 -8.16 0.93
C LEU B 131 6.17 -9.17 1.97
N ASP B 132 5.92 -10.45 1.70
CA ASP B 132 6.47 -11.51 2.58
C ASP B 132 7.84 -11.98 2.01
N LYS B 133 8.49 -12.98 2.66
CA LYS B 133 9.83 -13.44 2.24
C LYS B 133 9.85 -14.17 0.90
N CYS B 134 8.66 -14.51 0.34
CA CYS B 134 8.53 -15.09 -0.98
C CYS B 134 8.34 -14.01 -2.09
N GLY B 135 8.28 -12.73 -1.70
CA GLY B 135 8.04 -11.64 -2.65
C GLY B 135 6.56 -11.45 -2.94
N ARG B 136 5.67 -12.16 -2.21
CA ARG B 136 4.22 -12.02 -2.44
C ARG B 136 3.70 -10.79 -1.75
N VAL B 137 2.75 -10.06 -2.41
CA VAL B 137 2.21 -8.85 -1.82
C VAL B 137 1.14 -9.24 -0.79
N ILE B 138 1.37 -8.92 0.49
CA ILE B 138 0.38 -9.24 1.54
C ILE B 138 -0.57 -8.07 1.86
N GLY B 139 -0.39 -6.94 1.21
CA GLY B 139 -1.25 -5.77 1.41
C GLY B 139 -0.58 -4.50 0.95
N LEU B 140 -1.32 -3.40 0.99
CA LEU B 140 -0.86 -2.06 0.58
C LEU B 140 -0.82 -1.09 1.78
N TYR B 141 0.18 -0.22 1.77
CA TYR B 141 0.48 0.75 2.84
C TYR B 141 -0.27 2.03 2.57
N GLY B 142 -0.79 2.68 3.61
CA GLY B 142 -1.38 4.01 3.41
C GLY B 142 -2.74 4.31 4.01
N ASN B 143 -3.33 3.36 4.73
CA ASN B 143 -4.59 3.64 5.44
C ASN B 143 -4.34 3.25 6.90
N GLY B 144 -4.29 4.25 7.77
CA GLY B 144 -3.94 4.00 9.17
C GLY B 144 -4.30 5.08 10.16
N VAL B 145 -3.52 5.19 11.25
CA VAL B 145 -3.84 6.13 12.33
C VAL B 145 -2.56 6.82 12.84
N VAL B 146 -2.74 7.92 13.58
CA VAL B 146 -1.66 8.64 14.27
C VAL B 146 -1.85 8.27 15.76
N ILE B 147 -0.79 7.76 16.42
CA ILE B 147 -0.93 7.29 17.81
C ILE B 147 -0.45 8.33 18.85
N LYS B 148 -0.53 8.04 20.17
CA LYS B 148 -0.07 8.91 21.27
C LYS B 148 1.28 9.57 20.99
N ASN B 149 2.32 8.78 20.63
CA ASN B 149 3.67 9.23 20.27
C ASN B 149 3.68 10.36 19.22
N GLY B 150 2.61 10.43 18.43
CA GLY B 150 2.48 11.28 17.25
C GLY B 150 2.96 10.58 15.96
N SER B 151 3.43 9.33 16.07
N SER B 151 3.43 9.33 16.07
N SER B 151 3.43 9.33 16.07
CA SER B 151 3.91 8.58 14.91
CA SER B 151 3.91 8.57 14.92
CA SER B 151 3.91 8.57 14.92
C SER B 151 2.74 7.92 14.16
C SER B 151 2.75 7.93 14.15
C SER B 151 2.75 7.93 14.15
N TYR B 152 2.96 7.63 12.88
CA TYR B 152 1.94 7.02 12.04
C TYR B 152 2.07 5.49 11.97
N VAL B 153 0.92 4.80 11.99
CA VAL B 153 0.90 3.36 11.87
C VAL B 153 -0.13 3.03 10.77
N SER B 154 0.30 2.29 9.77
CA SER B 154 -0.61 1.92 8.64
C SER B 154 -1.12 0.50 8.79
N ALA B 155 -2.37 0.19 8.45
CA ALA B 155 -2.84 -1.20 8.40
C ALA B 155 -2.08 -1.89 7.22
N ILE B 156 -1.93 -3.22 7.27
CA ILE B 156 -1.49 -3.96 6.07
C ILE B 156 -2.87 -4.25 5.35
N THR B 157 -3.30 -3.38 4.40
CA THR B 157 -4.64 -3.54 3.80
C THR B 157 -4.60 -4.52 2.64
N GLN B 158 -5.36 -5.64 2.74
CA GLN B 158 -5.41 -6.62 1.65
C GLN B 158 -6.88 -6.80 1.19
N GLY B 159 -7.06 -7.10 -0.09
CA GLY B 159 -8.38 -7.35 -0.66
C GLY B 159 -8.74 -8.82 -0.63
N LYS B 160 -9.84 -9.18 -1.30
CA LYS B 160 -10.27 -10.57 -1.39
C LYS B 160 -10.13 -10.98 -2.88
N ARG B 161 -9.51 -12.13 -3.18
CA ARG B 161 -9.43 -12.58 -4.57
C ARG B 161 -10.68 -13.43 -4.93
S DMS C . -2.59 -7.45 22.21
O DMS C . -3.61 -8.45 22.69
C1 DMS C . -0.98 -7.85 22.93
C2 DMS C . -2.77 -5.95 23.20
S DMS D . -8.69 6.88 3.54
O DMS D . -8.02 6.75 4.87
C1 DMS D . -8.74 8.65 3.12
C2 DMS D . -10.46 6.77 3.79
S DMS E . -14.45 9.97 -10.49
O DMS E . -14.45 8.47 -10.45
C1 DMS E . -13.52 10.54 -11.91
C2 DMS E . -13.20 10.63 -9.34
N1 U4C F . 2.40 11.11 8.28
C4 U4C F . 0.13 7.51 3.80
C5 U4C F . -1.17 7.99 3.89
C6 U4C F . -1.50 8.95 4.82
C7 U4C F . 1.83 9.38 6.64
C8 U4C F . 1.50 10.79 7.16
C10 U4C F . 3.03 12.55 6.55
O U4C F . -0.27 11.30 8.66
C U4C F . 0.04 10.88 7.56
C11 U4C F . 1.77 11.86 6.09
C9 U4C F . 2.99 12.40 8.06
C2 U4C F . 0.80 8.94 5.62
C3 U4C F . 1.10 7.99 4.65
C1 U4C F . -0.52 9.42 5.71
N U4C F . -0.85 10.31 6.72
S DMS G . -4.37 9.43 9.15
O DMS G . -3.27 9.66 8.18
C1 DMS G . -5.92 9.76 8.25
C2 DMS G . -4.43 10.88 10.24
N1 W2M H . 7.17 11.71 6.25
C4 W2M H . 10.59 11.58 2.35
C5 W2M H . 10.89 10.27 2.62
C6 W2M H . 10.70 9.76 3.89
C7 W2M H . 9.30 12.78 5.74
C8 W2M H . 8.51 11.97 6.79
C10 W2M H . 6.84 13.42 7.79
O W2M H . 9.14 10.24 8.29
C W2M H . 9.20 10.67 7.14
C11 W2M H . 8.21 12.81 8.04
C9 W2M H . 6.45 12.93 6.41
C2 W2M H . 9.84 11.91 4.63
C3 W2M H . 10.06 12.40 3.34
C1 W2M H . 10.17 10.57 4.90
N W2M H . 9.89 10.04 6.16
S DMS I . 19.58 8.32 -7.04
O DMS I . 19.10 7.37 -8.09
C1 DMS I . 19.14 7.57 -5.45
C2 DMS I . 18.36 9.65 -6.93
S DMS J . 7.00 -15.79 4.68
O DMS J . 7.30 -14.40 5.16
C1 DMS J . 5.36 -16.28 5.26
C2 DMS J . 7.89 -16.94 5.81
#